data_6RX9
#
_entry.id   6RX9
#
_cell.length_a   43.330
_cell.length_b   85.110
_cell.length_c   62.350
_cell.angle_alpha   90.000
_cell.angle_beta   109.460
_cell.angle_gamma   90.000
#
_symmetry.space_group_name_H-M   'P 1 21 1'
#
loop_
_entity.id
_entity.type
_entity.pdbx_description
1 polymer 'Tetracycline repressor protein class G'
2 non-polymer 'SULFATE ION'
3 water water
#
_entity_poly.entity_id   1
_entity_poly.type   'polypeptide(L)'
_entity_poly.pdbx_seq_one_letter_code
;MTKLDKGTVIAAALELLNEVGMDSLTTRKLAERLKVQQPALYWHFQNKRALLDALAEAMLAERHTRSLPEENEDWRVFLK
ENALSFRTALLSYRDGARIHAGTRPTEPNFGTAETQIRFLCAEGFCPKRAVWALRAVSHYVVGSVLEQQASDADERVPDR
PDVSEQAPSSFLHDLFHELETDGMDAAFNFGLDSLIAGFERLRSSTTDHHHHHH
;
_entity_poly.pdbx_strand_id   A,B
#
# COMPACT_ATOMS: atom_id res chain seq x y z
N LYS A 3 -30.23 19.86 -13.41
CA LYS A 3 -30.46 20.34 -12.01
C LYS A 3 -29.36 19.78 -11.09
N LEU A 4 -29.32 18.46 -10.90
CA LEU A 4 -28.34 17.75 -10.04
C LEU A 4 -27.12 17.37 -10.90
N ASP A 5 -25.94 17.93 -10.59
CA ASP A 5 -24.69 17.67 -11.36
C ASP A 5 -23.71 16.85 -10.50
N LYS A 6 -22.73 16.24 -11.16
CA LYS A 6 -21.76 15.28 -10.55
C LYS A 6 -21.03 15.96 -9.38
N GLY A 7 -20.66 17.23 -9.53
CA GLY A 7 -19.96 18.01 -8.50
C GLY A 7 -20.75 18.07 -7.20
N THR A 8 -22.06 18.34 -7.29
CA THR A 8 -22.98 18.42 -6.13
C THR A 8 -23.12 17.04 -5.48
N VAL A 9 -23.21 15.98 -6.30
CA VAL A 9 -23.37 14.57 -5.84
C VAL A 9 -22.13 14.15 -5.03
N ILE A 10 -20.93 14.38 -5.57
CA ILE A 10 -19.66 13.87 -4.95
C ILE A 10 -19.34 14.68 -3.69
N ALA A 11 -19.67 15.97 -3.68
CA ALA A 11 -19.52 16.85 -2.48
C ALA A 11 -20.27 16.21 -1.30
N ALA A 12 -21.50 15.76 -1.52
CA ALA A 12 -22.35 15.09 -0.52
C ALA A 12 -21.78 13.71 -0.15
N ALA A 13 -21.28 12.97 -1.14
CA ALA A 13 -20.70 11.61 -0.97
C ALA A 13 -19.46 11.69 -0.07
N LEU A 14 -18.65 12.74 -0.22
CA LEU A 14 -17.42 12.96 0.59
C LEU A 14 -17.80 13.20 2.05
N GLU A 15 -18.79 14.05 2.32
CA GLU A 15 -19.29 14.35 3.70
C GLU A 15 -19.80 13.04 4.33
N LEU A 16 -20.56 12.25 3.56
CA LEU A 16 -21.17 10.98 4.01
C LEU A 16 -20.05 9.96 4.31
N LEU A 17 -19.06 9.86 3.43
CA LEU A 17 -17.88 8.96 3.60
C LEU A 17 -17.22 9.22 4.96
N ASN A 18 -16.98 10.48 5.31
CA ASN A 18 -16.35 10.89 6.61
C ASN A 18 -17.26 10.47 7.78
N GLU A 19 -18.57 10.56 7.61
CA GLU A 19 -19.56 10.30 8.70
C GLU A 19 -19.65 8.79 8.99
N VAL A 20 -19.73 7.94 7.96
CA VAL A 20 -20.11 6.50 8.12
C VAL A 20 -19.03 5.56 7.59
N GLY A 21 -18.13 6.03 6.72
CA GLY A 21 -17.02 5.22 6.20
C GLY A 21 -17.40 4.47 4.93
N MET A 22 -16.41 3.84 4.30
CA MET A 22 -16.46 3.17 2.97
C MET A 22 -17.46 2.00 3.00
N ASP A 23 -17.45 1.21 4.07
CA ASP A 23 -18.23 -0.05 4.19
C ASP A 23 -19.73 0.27 4.28
N SER A 24 -20.12 1.31 5.03
CA SER A 24 -21.52 1.70 5.30
C SER A 24 -22.07 2.60 4.17
N LEU A 25 -21.21 3.13 3.30
CA LEU A 25 -21.62 4.02 2.18
C LEU A 25 -22.45 3.20 1.17
N THR A 26 -23.65 3.69 0.82
CA THR A 26 -24.52 3.11 -0.24
C THR A 26 -25.08 4.25 -1.11
N THR A 27 -25.41 3.95 -2.36
CA THR A 27 -26.06 4.90 -3.31
C THR A 27 -27.42 5.31 -2.77
N ARG A 28 -28.13 4.42 -2.06
CA ARG A 28 -29.46 4.73 -1.47
C ARG A 28 -29.31 5.80 -0.38
N LYS A 29 -28.30 5.66 0.50
CA LYS A 29 -28.03 6.64 1.59
C LYS A 29 -27.62 7.98 0.99
N LEU A 30 -26.87 7.96 -0.12
CA LEU A 30 -26.43 9.18 -0.85
C LEU A 30 -27.66 9.94 -1.39
N ALA A 31 -28.56 9.24 -2.09
CA ALA A 31 -29.79 9.82 -2.68
C ALA A 31 -30.61 10.51 -1.58
N GLU A 32 -30.76 9.85 -0.43
CA GLU A 32 -31.52 10.35 0.75
C GLU A 32 -30.88 11.66 1.24
N ARG A 33 -29.55 11.68 1.39
CA ARG A 33 -28.76 12.86 1.86
C ARG A 33 -28.96 14.04 0.89
N LEU A 34 -29.00 13.77 -0.42
CA LEU A 34 -29.17 14.80 -1.47
C LEU A 34 -30.63 15.29 -1.54
N LYS A 35 -31.56 14.54 -0.92
CA LYS A 35 -33.03 14.78 -0.98
C LYS A 35 -33.51 14.72 -2.43
N VAL A 36 -33.00 13.75 -3.19
CA VAL A 36 -33.40 13.46 -4.60
C VAL A 36 -33.96 12.03 -4.66
N GLN A 37 -34.66 11.71 -5.74
CA GLN A 37 -35.19 10.35 -6.00
C GLN A 37 -34.10 9.53 -6.69
N GLN A 38 -34.25 8.20 -6.67
CA GLN A 38 -33.20 7.22 -7.04
C GLN A 38 -32.80 7.37 -8.52
N PRO A 39 -33.75 7.59 -9.47
CA PRO A 39 -33.37 7.76 -10.87
C PRO A 39 -32.39 8.93 -11.10
N ALA A 40 -32.59 10.04 -10.40
CA ALA A 40 -31.77 11.27 -10.49
C ALA A 40 -30.31 10.93 -10.16
N LEU A 41 -30.07 10.16 -9.09
CA LEU A 41 -28.71 9.73 -8.68
C LEU A 41 -28.22 8.61 -9.61
N TYR A 42 -29.10 7.68 -9.99
CA TYR A 42 -28.77 6.50 -10.83
C TYR A 42 -28.13 6.94 -12.15
N TRP A 43 -28.54 8.10 -12.68
CA TRP A 43 -28.00 8.72 -13.91
C TRP A 43 -26.49 8.95 -13.78
N HIS A 44 -26.03 9.38 -12.60
CA HIS A 44 -24.61 9.66 -12.27
C HIS A 44 -23.86 8.35 -11.98
N PHE A 45 -24.42 7.52 -11.10
CA PHE A 45 -23.79 6.25 -10.62
C PHE A 45 -24.83 5.15 -10.50
N GLN A 46 -24.66 4.06 -11.25
CA GLN A 46 -25.59 2.91 -11.26
C GLN A 46 -25.20 1.90 -10.17
N ASN A 47 -24.01 2.03 -9.58
CA ASN A 47 -23.53 1.09 -8.53
C ASN A 47 -22.48 1.78 -7.64
N LYS A 48 -22.21 1.18 -6.48
CA LYS A 48 -21.26 1.69 -5.47
C LYS A 48 -19.86 1.77 -6.07
N ARG A 49 -19.48 0.78 -6.89
CA ARG A 49 -18.16 0.69 -7.56
C ARG A 49 -17.90 1.98 -8.35
N ALA A 50 -18.87 2.42 -9.14
CA ALA A 50 -18.78 3.65 -9.96
C ALA A 50 -18.59 4.88 -9.06
N LEU A 51 -19.32 4.94 -7.94
CA LEU A 51 -19.22 6.04 -6.94
C LEU A 51 -17.80 6.07 -6.34
N LEU A 52 -17.28 4.90 -5.92
CA LEU A 52 -15.93 4.79 -5.32
C LEU A 52 -14.87 5.27 -6.31
N ASP A 53 -15.00 4.90 -7.60
CA ASP A 53 -14.09 5.34 -8.69
C ASP A 53 -14.04 6.88 -8.74
N ALA A 54 -15.19 7.54 -8.66
CA ALA A 54 -15.33 9.01 -8.71
C ALA A 54 -14.73 9.65 -7.45
N LEU A 55 -14.95 9.04 -6.28
CA LEU A 55 -14.39 9.51 -4.98
C LEU A 55 -12.86 9.45 -5.03
N ALA A 56 -12.30 8.35 -5.56
CA ALA A 56 -10.84 8.11 -5.67
C ALA A 56 -10.20 9.17 -6.56
N GLU A 57 -10.83 9.52 -7.69
CA GLU A 57 -10.29 10.50 -8.66
C GLU A 57 -10.30 11.90 -8.02
N ALA A 58 -11.39 12.27 -7.33
CA ALA A 58 -11.57 13.57 -6.65
C ALA A 58 -10.49 13.75 -5.57
N MET A 59 -10.22 12.69 -4.80
CA MET A 59 -9.36 12.76 -3.59
C MET A 59 -7.90 13.11 -3.96
N LEU A 60 -7.50 12.92 -5.23
CA LEU A 60 -6.12 13.21 -5.70
C LEU A 60 -5.96 14.68 -6.10
N ALA A 61 -6.96 15.53 -5.86
CA ALA A 61 -6.95 16.98 -6.16
C ALA A 61 -5.71 17.65 -5.56
N GLU A 62 -5.44 17.42 -4.27
CA GLU A 62 -4.30 18.00 -3.50
C GLU A 62 -2.96 17.64 -4.19
N ARG A 63 -2.84 16.41 -4.71
CA ARG A 63 -1.59 15.91 -5.35
C ARG A 63 -1.35 16.63 -6.69
N HIS A 64 -2.42 16.95 -7.43
CA HIS A 64 -2.34 17.61 -8.77
C HIS A 64 -1.68 18.99 -8.66
N THR A 65 -1.82 19.66 -7.51
CA THR A 65 -1.26 21.01 -7.25
C THR A 65 0.28 20.93 -7.12
N ARG A 66 0.81 19.75 -6.79
CA ARG A 66 2.27 19.50 -6.58
C ARG A 66 2.78 18.48 -7.60
N SER A 67 2.10 18.32 -8.74
CA SER A 67 2.41 17.32 -9.78
C SER A 67 3.51 17.84 -10.73
N LEU A 68 3.63 19.17 -10.88
CA LEU A 68 4.56 19.82 -11.86
C LEU A 68 5.75 20.43 -11.11
N PRO A 69 7.00 20.14 -11.54
CA PRO A 69 8.18 20.80 -10.97
C PRO A 69 8.09 22.34 -11.06
N GLU A 70 8.43 23.02 -9.97
CA GLU A 70 8.48 24.50 -9.89
C GLU A 70 9.90 24.97 -10.27
N GLU A 71 10.01 26.16 -10.87
CA GLU A 71 11.31 26.73 -11.29
C GLU A 71 12.21 26.92 -10.06
N ASN A 72 13.50 26.64 -10.20
CA ASN A 72 14.54 26.88 -9.17
C ASN A 72 14.36 25.90 -7.99
N GLU A 73 13.63 24.80 -8.18
CA GLU A 73 13.47 23.71 -7.17
C GLU A 73 14.19 22.46 -7.71
N ASP A 74 14.99 21.80 -6.87
CA ASP A 74 15.76 20.59 -7.26
C ASP A 74 14.86 19.36 -7.13
N TRP A 75 15.30 18.24 -7.69
CA TRP A 75 14.52 16.96 -7.77
C TRP A 75 14.16 16.45 -6.37
N ARG A 76 15.00 16.71 -5.36
CA ARG A 76 14.80 16.21 -3.97
C ARG A 76 13.56 16.87 -3.36
N VAL A 77 13.44 18.19 -3.49
CA VAL A 77 12.29 18.98 -2.94
C VAL A 77 11.02 18.59 -3.70
N PHE A 78 11.11 18.43 -5.03
CA PHE A 78 9.97 18.04 -5.91
C PHE A 78 9.39 16.69 -5.45
N LEU A 79 10.22 15.67 -5.29
CA LEU A 79 9.77 14.29 -4.92
C LEU A 79 9.17 14.30 -3.50
N LYS A 80 9.80 15.02 -2.56
CA LYS A 80 9.33 15.09 -1.14
C LYS A 80 7.98 15.80 -1.09
N GLU A 81 7.86 16.99 -1.68
CA GLU A 81 6.62 17.79 -1.64
C GLU A 81 5.49 17.03 -2.35
N ASN A 82 5.80 16.33 -3.45
CA ASN A 82 4.83 15.48 -4.19
C ASN A 82 4.34 14.35 -3.27
N ALA A 83 5.26 13.67 -2.57
CA ALA A 83 4.94 12.56 -1.65
C ALA A 83 4.04 13.06 -0.52
N LEU A 84 4.37 14.21 0.08
CA LEU A 84 3.64 14.79 1.24
C LEU A 84 2.21 15.17 0.83
N SER A 85 2.04 15.71 -0.37
N SER A 85 2.03 15.70 -0.38
CA SER A 85 0.73 16.11 -0.95
CA SER A 85 0.71 16.10 -0.94
C SER A 85 -0.14 14.87 -1.20
C SER A 85 -0.15 14.87 -1.21
N PHE A 86 0.46 13.79 -1.71
CA PHE A 86 -0.22 12.49 -1.95
C PHE A 86 -0.70 11.91 -0.61
N ARG A 87 0.16 11.93 0.41
CA ARG A 87 -0.17 11.44 1.77
C ARG A 87 -1.34 12.24 2.34
N THR A 88 -1.28 13.58 2.27
CA THR A 88 -2.33 14.50 2.77
C THR A 88 -3.66 14.17 2.08
N ALA A 89 -3.63 13.97 0.76
CA ALA A 89 -4.81 13.68 -0.09
C ALA A 89 -5.50 12.38 0.38
N LEU A 90 -4.72 11.33 0.65
CA LEU A 90 -5.26 10.01 1.09
C LEU A 90 -5.76 10.10 2.53
N LEU A 91 -5.13 10.92 3.37
CA LEU A 91 -5.50 11.08 4.81
C LEU A 91 -6.71 12.03 4.96
N SER A 92 -7.06 12.79 3.91
CA SER A 92 -8.07 13.88 3.97
C SER A 92 -9.48 13.32 4.19
N TYR A 93 -9.71 12.03 3.89
CA TYR A 93 -11.04 11.38 4.07
C TYR A 93 -10.87 9.97 4.65
N ARG A 94 -11.82 9.59 5.49
CA ARG A 94 -11.95 8.22 6.07
C ARG A 94 -11.83 7.19 4.94
N ASP A 95 -10.99 6.17 5.14
CA ASP A 95 -10.78 5.02 4.22
C ASP A 95 -10.16 5.47 2.89
N GLY A 96 -9.52 6.64 2.86
CA GLY A 96 -8.92 7.22 1.64
C GLY A 96 -8.00 6.25 0.93
N ALA A 97 -7.05 5.64 1.65
CA ALA A 97 -6.04 4.72 1.06
C ALA A 97 -6.72 3.45 0.54
N ARG A 98 -7.70 2.92 1.29
CA ARG A 98 -8.48 1.71 0.90
C ARG A 98 -9.23 1.98 -0.41
N ILE A 99 -9.87 3.14 -0.53
CA ILE A 99 -10.61 3.57 -1.75
C ILE A 99 -9.62 3.64 -2.92
N HIS A 100 -8.47 4.28 -2.73
CA HIS A 100 -7.41 4.44 -3.76
C HIS A 100 -6.94 3.05 -4.23
N ALA A 101 -6.66 2.16 -3.28
CA ALA A 101 -6.14 0.78 -3.52
C ALA A 101 -7.19 -0.06 -4.26
N GLY A 102 -8.46 0.03 -3.85
CA GLY A 102 -9.58 -0.76 -4.38
C GLY A 102 -9.96 -0.37 -5.80
N THR A 103 -9.60 0.83 -6.25
CA THR A 103 -9.88 1.36 -7.61
C THR A 103 -8.98 0.62 -8.62
N ARG A 104 -9.58 0.03 -9.66
CA ARG A 104 -8.87 -0.63 -10.78
C ARG A 104 -7.87 0.35 -11.38
N PRO A 105 -6.68 -0.11 -11.83
CA PRO A 105 -5.59 0.80 -12.19
C PRO A 105 -6.02 1.81 -13.27
N THR A 106 -5.79 3.10 -13.00
CA THR A 106 -6.21 4.25 -13.85
C THR A 106 -5.00 4.76 -14.65
N GLU A 107 -5.21 5.09 -15.94
CA GLU A 107 -4.18 5.67 -16.83
C GLU A 107 -3.83 7.06 -16.34
N PRO A 108 -2.52 7.40 -16.19
CA PRO A 108 -2.12 8.71 -15.69
C PRO A 108 -2.22 9.78 -16.80
N ASN A 109 -2.25 11.05 -16.41
CA ASN A 109 -2.09 12.20 -17.34
C ASN A 109 -0.72 12.05 -18.01
N PHE A 110 -0.71 11.72 -19.31
CA PHE A 110 0.51 11.42 -20.11
C PHE A 110 1.37 12.68 -20.22
N GLY A 111 0.74 13.85 -20.34
CA GLY A 111 1.41 15.17 -20.33
C GLY A 111 2.18 15.40 -19.04
N THR A 112 1.51 15.21 -17.90
CA THR A 112 2.08 15.40 -16.53
C THR A 112 3.20 14.38 -16.31
N ALA A 113 2.99 13.12 -16.69
CA ALA A 113 3.97 12.01 -16.59
C ALA A 113 5.26 12.40 -17.32
N GLU A 114 5.15 12.81 -18.57
CA GLU A 114 6.31 13.15 -19.44
C GLU A 114 7.08 14.33 -18.84
N THR A 115 6.37 15.37 -18.40
CA THR A 115 6.97 16.57 -17.73
C THR A 115 7.78 16.12 -16.51
N GLN A 116 7.21 15.26 -15.66
CA GLN A 116 7.87 14.73 -14.44
C GLN A 116 9.13 13.94 -14.82
N ILE A 117 9.00 13.01 -15.78
CA ILE A 117 10.10 12.10 -16.23
C ILE A 117 11.23 12.95 -16.85
N ARG A 118 10.89 13.87 -17.76
CA ARG A 118 11.87 14.72 -18.47
C ARG A 118 12.63 15.59 -17.46
N PHE A 119 11.96 16.08 -16.42
CA PHE A 119 12.56 16.90 -15.34
C PHE A 119 13.60 16.07 -14.56
N LEU A 120 13.24 14.86 -14.15
CA LEU A 120 14.16 13.95 -13.40
C LEU A 120 15.37 13.63 -14.29
N CYS A 121 15.15 13.40 -15.59
CA CYS A 121 16.22 13.14 -16.59
C CYS A 121 17.20 14.32 -16.64
N ALA A 122 16.67 15.55 -16.65
CA ALA A 122 17.45 16.81 -16.60
C ALA A 122 18.26 16.86 -15.30
N GLU A 123 17.77 16.25 -14.22
CA GLU A 123 18.37 16.28 -12.86
C GLU A 123 19.31 15.09 -12.66
N GLY A 124 19.56 14.29 -13.71
CA GLY A 124 20.62 13.25 -13.71
C GLY A 124 20.09 11.84 -13.54
N PHE A 125 18.77 11.64 -13.59
CA PHE A 125 18.13 10.29 -13.65
C PHE A 125 18.19 9.78 -15.10
N CYS A 126 18.32 8.46 -15.28
CA CYS A 126 18.06 7.78 -16.59
C CYS A 126 16.56 7.55 -16.70
N PRO A 127 15.97 7.60 -17.92
CA PRO A 127 14.52 7.52 -18.09
C PRO A 127 13.83 6.39 -17.32
N LYS A 128 14.37 5.17 -17.37
CA LYS A 128 13.86 3.98 -16.64
C LYS A 128 13.77 4.29 -15.15
N ARG A 129 14.88 4.73 -14.57
CA ARG A 129 15.05 4.90 -13.10
C ARG A 129 14.22 6.08 -12.62
N ALA A 130 13.98 7.08 -13.47
CA ALA A 130 13.03 8.19 -13.22
C ALA A 130 11.63 7.63 -12.95
N VAL A 131 11.15 6.73 -13.81
CA VAL A 131 9.80 6.09 -13.69
C VAL A 131 9.79 5.20 -12.44
N TRP A 132 10.85 4.41 -12.22
CA TRP A 132 10.98 3.50 -11.05
C TRP A 132 10.94 4.31 -9.75
N ALA A 133 11.58 5.48 -9.72
CA ALA A 133 11.66 6.39 -8.55
C ALA A 133 10.28 6.98 -8.25
N LEU A 134 9.60 7.53 -9.26
CA LEU A 134 8.24 8.12 -9.11
C LEU A 134 7.28 7.04 -8.58
N ARG A 135 7.34 5.83 -9.13
CA ARG A 135 6.44 4.70 -8.75
C ARG A 135 6.77 4.24 -7.32
N ALA A 136 8.07 4.13 -6.99
CA ALA A 136 8.56 3.69 -5.65
C ALA A 136 8.03 4.64 -4.56
N VAL A 137 8.08 5.95 -4.79
CA VAL A 137 7.56 6.98 -3.85
C VAL A 137 6.06 6.71 -3.61
N SER A 138 5.28 6.53 -4.69
N SER A 138 5.28 6.53 -4.69
CA SER A 138 3.82 6.26 -4.65
CA SER A 138 3.83 6.25 -4.66
C SER A 138 3.55 4.98 -3.84
C SER A 138 3.55 4.98 -3.84
N HIS A 139 4.32 3.91 -4.10
CA HIS A 139 4.18 2.61 -3.39
C HIS A 139 4.34 2.82 -1.88
N TYR A 140 5.38 3.54 -1.47
CA TYR A 140 5.70 3.82 -0.05
C TYR A 140 4.54 4.57 0.61
N VAL A 141 4.02 5.62 -0.04
CA VAL A 141 2.95 6.49 0.53
C VAL A 141 1.68 5.64 0.74
N VAL A 142 1.28 4.87 -0.27
CA VAL A 142 0.05 4.02 -0.20
C VAL A 142 0.20 3.04 0.98
N GLY A 143 1.31 2.31 1.05
CA GLY A 143 1.58 1.35 2.14
C GLY A 143 1.47 2.02 3.50
N SER A 144 2.08 3.20 3.65
CA SER A 144 2.13 3.97 4.93
C SER A 144 0.72 4.38 5.36
N VAL A 145 -0.06 4.95 4.44
CA VAL A 145 -1.40 5.52 4.78
C VAL A 145 -2.39 4.38 5.06
N LEU A 146 -2.31 3.27 4.33
CA LEU A 146 -3.15 2.06 4.59
C LEU A 146 -2.98 1.64 6.06
N GLU A 147 -1.74 1.55 6.54
CA GLU A 147 -1.39 1.11 7.92
C GLU A 147 -1.91 2.14 8.93
N GLN A 148 -1.67 3.44 8.67
CA GLN A 148 -2.07 4.55 9.56
C GLN A 148 -3.59 4.56 9.72
N GLN A 149 -4.34 4.43 8.62
CA GLN A 149 -5.83 4.54 8.62
C GLN A 149 -6.44 3.27 9.21
N ALA A 150 -5.79 2.11 9.05
CA ALA A 150 -6.23 0.83 9.67
C ALA A 150 -6.18 0.95 11.19
N SER A 151 -5.13 1.58 11.73
CA SER A 151 -4.91 1.82 13.18
C SER A 151 -6.03 2.71 13.74
N ASP A 152 -6.40 3.77 13.00
CA ASP A 152 -7.48 4.71 13.37
C ASP A 152 -8.83 3.98 13.42
N ALA A 153 -9.13 3.19 12.38
CA ALA A 153 -10.38 2.42 12.21
C ALA A 153 -10.56 1.42 13.35
N ASP A 154 -9.46 0.83 13.83
CA ASP A 154 -9.45 -0.21 14.89
C ASP A 154 -9.75 0.43 16.25
N GLU A 155 -9.47 1.72 16.43
CA GLU A 155 -9.71 2.47 17.69
C GLU A 155 -11.21 2.71 17.89
N ARG A 156 -11.94 3.03 16.80
CA ARG A 156 -13.40 3.33 16.82
C ARG A 156 -14.16 2.21 17.56
N ALA A 167 2.70 -9.14 27.06
CA ALA A 167 3.42 -7.95 27.59
C ALA A 167 4.84 -7.91 27.03
N PRO A 168 5.29 -6.76 26.47
CA PRO A 168 6.67 -6.62 26.01
C PRO A 168 7.65 -6.56 27.18
N SER A 169 8.90 -6.98 26.94
CA SER A 169 10.01 -6.97 27.93
C SER A 169 10.38 -5.53 28.29
N SER A 170 11.20 -5.36 29.34
CA SER A 170 11.70 -4.05 29.81
C SER A 170 12.48 -3.34 28.70
N PHE A 171 13.11 -4.08 27.78
CA PHE A 171 13.91 -3.53 26.65
C PHE A 171 13.01 -2.72 25.71
N LEU A 172 11.82 -3.24 25.41
CA LEU A 172 10.93 -2.69 24.34
C LEU A 172 9.81 -1.81 24.92
N HIS A 173 9.46 -1.96 26.21
CA HIS A 173 8.25 -1.35 26.81
C HIS A 173 8.20 0.16 26.55
N ASP A 174 9.17 0.91 27.09
CA ASP A 174 9.18 2.41 27.08
C ASP A 174 9.43 2.91 25.66
N LEU A 175 10.34 2.28 24.91
CA LEU A 175 10.61 2.59 23.47
C LEU A 175 9.27 2.64 22.72
N PHE A 176 8.48 1.57 22.82
CA PHE A 176 7.18 1.38 22.10
C PHE A 176 6.15 2.43 22.57
N HIS A 177 6.16 2.77 23.86
CA HIS A 177 5.25 3.78 24.47
C HIS A 177 5.52 5.16 23.83
N GLU A 178 6.79 5.53 23.70
CA GLU A 178 7.26 6.84 23.17
C GLU A 178 6.84 6.99 21.70
N LEU A 179 7.16 5.98 20.87
CA LEU A 179 6.88 5.95 19.40
C LEU A 179 5.41 6.32 19.14
N GLU A 180 4.48 5.60 19.77
CA GLU A 180 3.02 5.76 19.59
C GLU A 180 2.60 7.21 19.83
N THR A 181 2.94 7.76 21.00
CA THR A 181 2.45 9.06 21.52
C THR A 181 2.89 10.22 20.61
N ASP A 182 4.15 10.21 20.16
CA ASP A 182 4.82 11.37 19.51
C ASP A 182 4.24 11.64 18.11
N GLY A 183 3.54 10.67 17.51
CA GLY A 183 2.76 10.87 16.27
C GLY A 183 3.27 10.03 15.12
N MET A 184 2.65 10.17 13.95
CA MET A 184 2.85 9.32 12.74
C MET A 184 3.83 10.00 11.76
N ASP A 185 3.99 11.32 11.84
CA ASP A 185 4.69 12.15 10.84
C ASP A 185 6.19 11.84 10.82
N ALA A 186 6.82 11.66 11.97
CA ALA A 186 8.28 11.40 12.12
C ALA A 186 8.65 10.11 11.38
N ALA A 187 7.89 9.04 11.60
CA ALA A 187 8.09 7.72 10.96
C ALA A 187 7.95 7.86 9.43
N PHE A 188 6.88 8.50 8.97
CA PHE A 188 6.63 8.70 7.52
C PHE A 188 7.82 9.44 6.89
N ASN A 189 8.21 10.56 7.49
CA ASN A 189 9.30 11.45 6.98
C ASN A 189 10.62 10.68 6.96
N PHE A 190 10.86 9.78 7.92
CA PHE A 190 12.11 8.98 7.97
C PHE A 190 12.20 8.07 6.74
N GLY A 191 11.13 7.33 6.43
CA GLY A 191 11.07 6.46 5.23
C GLY A 191 11.20 7.25 3.95
N LEU A 192 10.54 8.40 3.86
CA LEU A 192 10.54 9.27 2.65
C LEU A 192 11.96 9.81 2.41
N ASP A 193 12.58 10.36 3.45
CA ASP A 193 13.96 10.94 3.41
C ASP A 193 14.95 9.84 3.02
N SER A 194 14.79 8.63 3.54
CA SER A 194 15.64 7.45 3.22
C SER A 194 15.49 7.09 1.74
N LEU A 195 14.27 7.02 1.23
CA LEU A 195 14.00 6.69 -0.19
C LEU A 195 14.70 7.71 -1.10
N ILE A 196 14.53 9.00 -0.82
CA ILE A 196 15.08 10.11 -1.67
C ILE A 196 16.61 10.11 -1.57
N ALA A 197 17.17 9.95 -0.36
CA ALA A 197 18.64 9.87 -0.13
C ALA A 197 19.23 8.72 -0.95
N GLY A 198 18.52 7.58 -1.02
CA GLY A 198 18.92 6.39 -1.79
C GLY A 198 18.94 6.65 -3.30
N PHE A 199 17.99 7.43 -3.81
CA PHE A 199 17.90 7.79 -5.25
C PHE A 199 19.18 8.51 -5.68
N GLU A 200 19.72 9.38 -4.82
CA GLU A 200 20.92 10.22 -5.11
C GLU A 200 22.03 9.38 -5.77
N ARG A 201 22.30 8.19 -5.23
CA ARG A 201 23.44 7.31 -5.64
C ARG A 201 23.00 6.41 -6.82
N LEU A 202 21.72 6.02 -6.90
CA LEU A 202 21.23 5.01 -7.87
C LEU A 202 20.53 5.70 -9.06
N ARG A 203 20.62 7.02 -9.19
CA ARG A 203 19.95 7.84 -10.24
C ARG A 203 20.18 7.25 -11.63
N SER A 204 21.42 6.86 -11.95
CA SER A 204 21.84 6.36 -13.29
C SER A 204 22.67 5.08 -13.16
N SER A 205 22.70 4.27 -14.22
CA SER A 205 23.49 3.01 -14.33
C SER A 205 24.95 3.35 -14.68
N LYS B 3 -12.36 -34.92 10.26
CA LYS B 3 -12.76 -35.20 8.85
C LYS B 3 -12.71 -33.89 8.04
N LEU B 4 -13.40 -32.85 8.51
CA LEU B 4 -13.34 -31.47 7.94
C LEU B 4 -12.69 -30.54 8.97
N ASP B 5 -11.36 -30.45 8.95
CA ASP B 5 -10.56 -29.65 9.91
C ASP B 5 -10.21 -28.30 9.26
N LYS B 6 -9.65 -27.38 10.05
CA LYS B 6 -9.30 -25.99 9.63
C LYS B 6 -8.35 -26.06 8.42
N GLY B 7 -7.37 -26.95 8.44
CA GLY B 7 -6.35 -27.12 7.39
C GLY B 7 -6.99 -27.43 6.04
N THR B 8 -7.97 -28.34 6.02
CA THR B 8 -8.71 -28.78 4.82
C THR B 8 -9.48 -27.60 4.22
N VAL B 9 -10.13 -26.80 5.07
CA VAL B 9 -10.98 -25.64 4.65
C VAL B 9 -10.09 -24.58 4.00
N ILE B 10 -8.94 -24.26 4.62
CA ILE B 10 -8.02 -23.17 4.19
C ILE B 10 -7.39 -23.54 2.83
N ALA B 11 -6.99 -24.79 2.65
CA ALA B 11 -6.39 -25.32 1.40
C ALA B 11 -7.35 -25.12 0.24
N ALA B 12 -8.64 -25.42 0.44
CA ALA B 12 -9.72 -25.27 -0.57
C ALA B 12 -9.97 -23.78 -0.84
N ALA B 13 -9.94 -22.95 0.21
CA ALA B 13 -10.17 -21.49 0.14
C ALA B 13 -9.07 -20.81 -0.69
N LEU B 14 -7.82 -21.25 -0.55
CA LEU B 14 -6.66 -20.69 -1.28
C LEU B 14 -6.75 -21.06 -2.77
N GLU B 15 -7.12 -22.32 -3.08
CA GLU B 15 -7.36 -22.79 -4.48
C GLU B 15 -8.45 -21.92 -5.11
N LEU B 16 -9.55 -21.72 -4.39
CA LEU B 16 -10.73 -20.94 -4.85
C LEU B 16 -10.33 -19.47 -5.04
N LEU B 17 -9.55 -18.91 -4.12
CA LEU B 17 -9.04 -17.51 -4.17
C LEU B 17 -8.34 -17.28 -5.51
N ASN B 18 -7.43 -18.18 -5.89
CA ASN B 18 -6.64 -18.10 -7.15
C ASN B 18 -7.58 -18.14 -8.37
N GLU B 19 -8.67 -18.89 -8.29
CA GLU B 19 -9.63 -19.10 -9.41
C GLU B 19 -10.49 -17.85 -9.63
N VAL B 20 -11.05 -17.27 -8.56
CA VAL B 20 -12.13 -16.24 -8.65
C VAL B 20 -11.68 -14.90 -8.07
N GLY B 21 -10.65 -14.87 -7.22
CA GLY B 21 -10.14 -13.63 -6.59
C GLY B 21 -10.90 -13.29 -5.31
N MET B 22 -10.47 -12.22 -4.63
CA MET B 22 -10.92 -11.81 -3.27
C MET B 22 -12.42 -11.48 -3.29
N ASP B 23 -12.87 -10.66 -4.25
CA ASP B 23 -14.25 -10.09 -4.31
C ASP B 23 -15.27 -11.22 -4.53
N SER B 24 -14.98 -12.13 -5.46
CA SER B 24 -15.88 -13.25 -5.86
C SER B 24 -15.89 -14.36 -4.80
N LEU B 25 -14.81 -14.51 -4.03
CA LEU B 25 -14.70 -15.54 -2.96
C LEU B 25 -15.83 -15.34 -1.95
N THR B 26 -16.62 -16.39 -1.69
CA THR B 26 -17.71 -16.43 -0.68
C THR B 26 -17.68 -17.77 0.06
N THR B 27 -18.27 -17.82 1.25
CA THR B 27 -18.46 -19.05 2.06
C THR B 27 -19.35 -20.02 1.29
N ARG B 28 -20.33 -19.51 0.53
CA ARG B 28 -21.24 -20.33 -0.33
C ARG B 28 -20.40 -21.14 -1.33
N LYS B 29 -19.54 -20.46 -2.10
CA LYS B 29 -18.67 -21.07 -3.13
C LYS B 29 -17.69 -22.07 -2.49
N LEU B 30 -17.18 -21.76 -1.30
CA LEU B 30 -16.20 -22.61 -0.57
C LEU B 30 -16.90 -23.91 -0.14
N ALA B 31 -18.11 -23.81 0.41
CA ALA B 31 -18.97 -24.96 0.80
C ALA B 31 -19.17 -25.88 -0.42
N GLU B 32 -19.51 -25.30 -1.57
CA GLU B 32 -19.79 -26.02 -2.84
C GLU B 32 -18.51 -26.72 -3.32
N ARG B 33 -17.36 -26.06 -3.23
CA ARG B 33 -16.02 -26.61 -3.59
C ARG B 33 -15.71 -27.82 -2.69
N LEU B 34 -16.03 -27.71 -1.39
CA LEU B 34 -15.75 -28.76 -0.37
C LEU B 34 -16.84 -29.83 -0.39
N LYS B 35 -17.91 -29.62 -1.17
CA LYS B 35 -19.06 -30.56 -1.33
C LYS B 35 -19.74 -30.76 0.03
N VAL B 36 -19.95 -29.67 0.77
CA VAL B 36 -20.62 -29.65 2.10
C VAL B 36 -21.65 -28.50 2.11
N GLN B 37 -22.65 -28.60 2.98
CA GLN B 37 -23.64 -27.52 3.23
C GLN B 37 -22.94 -26.40 4.01
N GLN B 38 -23.43 -25.17 3.87
CA GLN B 38 -22.81 -23.94 4.44
C GLN B 38 -22.67 -24.03 5.95
N PRO B 39 -23.66 -24.57 6.70
CA PRO B 39 -23.54 -24.74 8.15
C PRO B 39 -22.23 -25.41 8.62
N ALA B 40 -21.67 -26.33 7.83
CA ALA B 40 -20.47 -27.13 8.16
C ALA B 40 -19.20 -26.26 8.18
N LEU B 41 -19.25 -25.02 7.68
CA LEU B 41 -18.10 -24.08 7.66
C LEU B 41 -18.20 -23.06 8.80
N TYR B 42 -19.39 -22.85 9.37
CA TYR B 42 -19.71 -21.69 10.25
C TYR B 42 -18.72 -21.58 11.41
N TRP B 43 -18.52 -22.66 12.18
CA TRP B 43 -17.69 -22.62 13.42
C TRP B 43 -16.20 -22.64 13.08
N HIS B 44 -15.83 -22.95 11.84
CA HIS B 44 -14.47 -22.73 11.29
C HIS B 44 -14.30 -21.24 10.99
N PHE B 45 -15.21 -20.67 10.20
CA PHE B 45 -15.20 -19.25 9.76
C PHE B 45 -16.65 -18.75 9.69
N GLN B 46 -17.02 -17.87 10.62
CA GLN B 46 -18.42 -17.38 10.83
C GLN B 46 -18.81 -16.38 9.74
N ASN B 47 -17.84 -15.79 9.05
CA ASN B 47 -18.06 -14.78 7.98
C ASN B 47 -16.81 -14.65 7.11
N LYS B 48 -16.93 -13.95 5.99
CA LYS B 48 -15.83 -13.73 5.00
C LYS B 48 -14.63 -13.09 5.69
N ARG B 49 -14.87 -12.10 6.57
CA ARG B 49 -13.82 -11.38 7.33
C ARG B 49 -12.92 -12.39 8.05
N ALA B 50 -13.52 -13.34 8.79
CA ALA B 50 -12.80 -14.39 9.55
C ALA B 50 -11.98 -15.25 8.58
N LEU B 51 -12.56 -15.60 7.42
CA LEU B 51 -11.88 -16.42 6.38
C LEU B 51 -10.64 -15.68 5.87
N LEU B 52 -10.80 -14.42 5.46
CA LEU B 52 -9.71 -13.59 4.90
C LEU B 52 -8.57 -13.44 5.92
N ASP B 53 -8.90 -13.18 7.19
CA ASP B 53 -7.91 -13.11 8.30
C ASP B 53 -7.03 -14.37 8.28
N ALA B 54 -7.65 -15.55 8.20
CA ALA B 54 -6.97 -16.86 8.24
C ALA B 54 -6.10 -17.05 6.99
N LEU B 55 -6.56 -16.59 5.82
CA LEU B 55 -5.79 -16.69 4.54
C LEU B 55 -4.54 -15.82 4.62
N ALA B 56 -4.66 -14.59 5.15
CA ALA B 56 -3.54 -13.65 5.37
C ALA B 56 -2.47 -14.32 6.25
N GLU B 57 -2.90 -14.93 7.35
CA GLU B 57 -2.04 -15.63 8.34
C GLU B 57 -1.34 -16.81 7.65
N ALA B 58 -2.08 -17.63 6.90
CA ALA B 58 -1.60 -18.83 6.19
C ALA B 58 -0.52 -18.46 5.17
N MET B 59 -0.74 -17.39 4.39
CA MET B 59 0.19 -16.93 3.32
C MET B 59 1.56 -16.60 3.93
N LEU B 60 1.59 -15.92 5.08
CA LEU B 60 2.84 -15.48 5.76
C LEU B 60 3.53 -16.69 6.41
N ALA B 61 2.78 -17.54 7.11
CA ALA B 61 3.28 -18.77 7.78
C ALA B 61 3.94 -19.69 6.74
N GLU B 62 3.34 -19.81 5.56
CA GLU B 62 3.80 -20.69 4.45
C GLU B 62 5.10 -20.14 3.84
N ARG B 63 5.13 -18.85 3.47
CA ARG B 63 6.12 -18.30 2.50
C ARG B 63 7.07 -17.27 3.14
N HIS B 64 6.65 -16.51 4.16
CA HIS B 64 7.50 -15.47 4.80
C HIS B 64 8.46 -16.12 5.80
N THR B 65 9.66 -16.48 5.35
CA THR B 65 10.65 -17.32 6.08
C THR B 65 11.77 -16.48 6.71
N ARG B 66 12.04 -15.27 6.18
CA ARG B 66 13.21 -14.44 6.60
C ARG B 66 12.76 -13.29 7.50
N SER B 67 12.05 -13.59 8.58
CA SER B 67 11.64 -12.62 9.63
C SER B 67 12.83 -12.30 10.55
N LEU B 68 13.66 -13.31 10.86
CA LEU B 68 14.78 -13.20 11.85
C LEU B 68 16.12 -13.10 11.12
N PRO B 69 17.06 -12.25 11.59
CA PRO B 69 18.42 -12.20 11.03
C PRO B 69 19.18 -13.52 11.26
N GLU B 70 20.00 -13.92 10.29
CA GLU B 70 20.93 -15.07 10.39
C GLU B 70 22.25 -14.58 11.02
N GLU B 71 23.07 -15.51 11.54
CA GLU B 71 24.34 -15.18 12.24
C GLU B 71 25.30 -14.50 11.26
N ASN B 72 25.96 -13.42 11.70
CA ASN B 72 27.00 -12.67 10.96
C ASN B 72 26.41 -11.99 9.71
N GLU B 73 25.08 -11.94 9.58
CA GLU B 73 24.39 -11.32 8.42
C GLU B 73 24.55 -9.80 8.52
N ASP B 74 24.85 -9.13 7.40
CA ASP B 74 24.95 -7.65 7.31
C ASP B 74 23.51 -7.07 7.32
N TRP B 75 23.33 -5.89 7.92
CA TRP B 75 21.99 -5.24 8.06
C TRP B 75 21.36 -5.01 6.68
N ARG B 76 22.17 -4.66 5.67
CA ARG B 76 21.71 -4.39 4.29
C ARG B 76 21.13 -5.67 3.68
N VAL B 77 21.82 -6.80 3.87
CA VAL B 77 21.40 -8.13 3.34
C VAL B 77 20.13 -8.58 4.08
N PHE B 78 20.09 -8.44 5.41
CA PHE B 78 18.91 -8.84 6.24
C PHE B 78 17.66 -8.10 5.75
N LEU B 79 17.70 -6.77 5.67
CA LEU B 79 16.53 -5.94 5.29
C LEU B 79 16.05 -6.33 3.89
N LYS B 80 16.97 -6.58 2.95
CA LYS B 80 16.64 -6.96 1.54
C LYS B 80 15.98 -8.34 1.54
N GLU B 81 16.57 -9.33 2.23
CA GLU B 81 16.06 -10.72 2.26
C GLU B 81 14.69 -10.76 2.94
N ASN B 82 14.51 -9.97 4.01
CA ASN B 82 13.22 -9.82 4.75
C ASN B 82 12.16 -9.27 3.79
N ALA B 83 12.50 -8.23 3.03
CA ALA B 83 11.60 -7.54 2.06
C ALA B 83 11.23 -8.51 0.93
N LEU B 84 12.21 -9.23 0.36
CA LEU B 84 12.00 -10.18 -0.77
C LEU B 84 11.09 -11.34 -0.30
N SER B 85 11.31 -11.83 0.92
CA SER B 85 10.52 -12.93 1.56
C SER B 85 9.05 -12.49 1.70
N PHE B 86 8.83 -11.30 2.27
CA PHE B 86 7.49 -10.70 2.48
C PHE B 86 6.78 -10.54 1.13
N ARG B 87 7.47 -10.01 0.11
CA ARG B 87 6.91 -9.79 -1.25
C ARG B 87 6.47 -11.12 -1.87
N THR B 88 7.31 -12.16 -1.77
CA THR B 88 7.04 -13.52 -2.31
C THR B 88 5.75 -14.07 -1.68
N ALA B 89 5.59 -13.90 -0.36
CA ALA B 89 4.40 -14.33 0.40
C ALA B 89 3.14 -13.62 -0.14
N LEU B 90 3.20 -12.32 -0.36
CA LEU B 90 2.04 -11.53 -0.84
C LEU B 90 1.72 -11.91 -2.29
N LEU B 91 2.75 -12.21 -3.10
CA LEU B 91 2.59 -12.57 -4.54
C LEU B 91 2.12 -14.03 -4.69
N SER B 92 2.25 -14.86 -3.66
CA SER B 92 2.06 -16.33 -3.74
C SER B 92 0.60 -16.68 -4.03
N TYR B 93 -0.36 -15.79 -3.73
CA TYR B 93 -1.80 -15.99 -4.03
C TYR B 93 -2.43 -14.70 -4.57
N ARG B 94 -3.48 -14.87 -5.37
CA ARG B 94 -4.26 -13.77 -6.01
C ARG B 94 -4.78 -12.83 -4.92
N ASP B 95 -4.60 -11.52 -5.11
CA ASP B 95 -5.08 -10.43 -4.21
C ASP B 95 -4.40 -10.55 -2.83
N GLY B 96 -3.20 -11.13 -2.77
CA GLY B 96 -2.45 -11.34 -1.51
C GLY B 96 -2.26 -10.05 -0.73
N ALA B 97 -1.80 -8.98 -1.39
CA ALA B 97 -1.53 -7.67 -0.76
C ALA B 97 -2.83 -7.05 -0.23
N ARG B 98 -3.91 -7.08 -1.02
CA ARG B 98 -5.24 -6.53 -0.64
C ARG B 98 -5.74 -7.24 0.63
N ILE B 99 -5.63 -8.56 0.68
CA ILE B 99 -6.06 -9.40 1.85
C ILE B 99 -5.22 -9.00 3.07
N HIS B 100 -3.89 -8.93 2.92
CA HIS B 100 -2.95 -8.56 4.02
C HIS B 100 -3.36 -7.19 4.60
N ALA B 101 -3.53 -6.18 3.73
CA ALA B 101 -3.85 -4.79 4.11
C ALA B 101 -5.21 -4.71 4.82
N GLY B 102 -6.16 -5.56 4.42
CA GLY B 102 -7.54 -5.59 4.95
C GLY B 102 -7.65 -6.30 6.29
N THR B 103 -6.56 -6.93 6.75
CA THR B 103 -6.46 -7.70 8.02
C THR B 103 -5.90 -6.82 9.15
N ARG B 104 -5.07 -5.84 8.81
CA ARG B 104 -4.24 -5.05 9.77
C ARG B 104 -5.14 -4.19 10.67
N ASN B 109 4.17 -9.64 17.65
CA ASN B 109 5.12 -10.66 18.18
C ASN B 109 6.35 -9.92 18.73
N PHE B 110 6.43 -9.75 20.06
CA PHE B 110 7.45 -8.94 20.76
C PHE B 110 8.81 -9.66 20.76
N GLY B 111 8.80 -11.00 20.79
CA GLY B 111 10.00 -11.83 20.68
C GLY B 111 10.74 -11.56 19.38
N THR B 112 10.03 -11.64 18.25
CA THR B 112 10.54 -11.39 16.88
C THR B 112 11.01 -9.93 16.78
N ALA B 113 10.17 -8.98 17.19
CA ALA B 113 10.43 -7.52 17.13
C ALA B 113 11.72 -7.20 17.89
N GLU B 114 11.89 -7.72 19.11
CA GLU B 114 13.07 -7.45 19.98
C GLU B 114 14.33 -7.92 19.26
N THR B 115 14.33 -9.14 18.71
CA THR B 115 15.47 -9.75 17.98
C THR B 115 15.85 -8.84 16.80
N GLN B 116 14.87 -8.42 16.00
CA GLN B 116 15.06 -7.54 14.82
C GLN B 116 15.66 -6.19 15.25
N ILE B 117 15.09 -5.59 16.29
CA ILE B 117 15.46 -4.21 16.78
C ILE B 117 16.86 -4.27 17.40
N ARG B 118 17.13 -5.26 18.25
CA ARG B 118 18.48 -5.47 18.87
C ARG B 118 19.53 -5.56 17.75
N PHE B 119 19.26 -6.35 16.71
CA PHE B 119 20.16 -6.58 15.55
C PHE B 119 20.46 -5.26 14.84
N LEU B 120 19.43 -4.47 14.50
CA LEU B 120 19.61 -3.18 13.77
C LEU B 120 20.33 -2.17 14.66
N CYS B 121 20.04 -2.15 15.96
CA CYS B 121 20.72 -1.27 16.95
C CYS B 121 22.22 -1.56 16.98
N ALA B 122 22.60 -2.84 16.99
CA ALA B 122 24.01 -3.33 16.97
C ALA B 122 24.69 -2.90 15.67
N GLU B 123 23.92 -2.83 14.57
CA GLU B 123 24.40 -2.51 13.20
C GLU B 123 24.38 -0.98 12.97
N GLY B 124 24.04 -0.19 13.99
CA GLY B 124 24.25 1.27 14.01
C GLY B 124 22.98 2.10 13.90
N PHE B 125 21.80 1.48 13.89
CA PHE B 125 20.49 2.20 13.87
C PHE B 125 20.13 2.68 15.27
N CYS B 126 19.74 3.96 15.41
CA CYS B 126 19.08 4.50 16.62
CA CYS B 126 19.09 4.49 16.63
C CYS B 126 17.83 3.66 16.90
N PRO B 127 17.49 3.37 18.18
CA PRO B 127 16.34 2.52 18.49
C PRO B 127 15.04 2.86 17.74
N LYS B 128 14.64 4.13 17.73
CA LYS B 128 13.40 4.61 17.04
C LYS B 128 13.57 4.38 15.53
N ARG B 129 14.76 4.65 14.99
CA ARG B 129 15.04 4.57 13.54
C ARG B 129 15.09 3.10 13.09
N ALA B 130 15.46 2.17 13.98
CA ALA B 130 15.38 0.71 13.72
C ALA B 130 13.92 0.33 13.46
N VAL B 131 13.01 0.76 14.34
CA VAL B 131 11.55 0.48 14.23
C VAL B 131 11.02 1.14 12.95
N TRP B 132 11.38 2.40 12.72
CA TRP B 132 10.91 3.18 11.53
C TRP B 132 11.38 2.49 10.24
N ALA B 133 12.62 1.99 10.20
CA ALA B 133 13.22 1.32 9.02
C ALA B 133 12.43 0.04 8.70
N LEU B 134 12.15 -0.79 9.70
CA LEU B 134 11.39 -2.06 9.53
C LEU B 134 10.01 -1.73 8.96
N ARG B 135 9.30 -0.77 9.55
CA ARG B 135 7.94 -0.35 9.12
C ARG B 135 7.98 0.20 7.69
N ALA B 136 8.99 1.02 7.36
CA ALA B 136 9.14 1.68 6.05
C ALA B 136 9.29 0.62 4.94
N VAL B 137 10.11 -0.41 5.17
CA VAL B 137 10.31 -1.53 4.21
C VAL B 137 8.96 -2.23 3.97
N SER B 138 8.21 -2.54 5.03
N SER B 138 8.21 -2.54 5.03
CA SER B 138 6.88 -3.20 4.97
CA SER B 138 6.88 -3.19 4.98
C SER B 138 5.92 -2.34 4.15
C SER B 138 5.90 -2.35 4.17
N HIS B 139 5.86 -1.03 4.43
CA HIS B 139 4.99 -0.06 3.72
C HIS B 139 5.29 -0.12 2.21
N TYR B 140 6.56 -0.05 1.84
CA TYR B 140 7.02 -0.09 0.42
C TYR B 140 6.58 -1.41 -0.23
N VAL B 141 6.77 -2.54 0.46
CA VAL B 141 6.47 -3.89 -0.12
C VAL B 141 4.96 -3.98 -0.39
N VAL B 142 4.11 -3.59 0.57
CA VAL B 142 2.62 -3.68 0.44
C VAL B 142 2.18 -2.79 -0.73
N GLY B 143 2.67 -1.54 -0.79
CA GLY B 143 2.35 -0.60 -1.88
C GLY B 143 2.72 -1.16 -3.23
N SER B 144 3.93 -1.74 -3.36
CA SER B 144 4.47 -2.30 -4.63
C SER B 144 3.62 -3.49 -5.09
N VAL B 145 3.34 -4.45 -4.20
CA VAL B 145 2.62 -5.70 -4.57
C VAL B 145 1.17 -5.35 -4.93
N LEU B 146 0.55 -4.41 -4.20
CA LEU B 146 -0.84 -3.95 -4.52
C LEU B 146 -0.91 -3.51 -5.98
N GLU B 147 0.03 -2.67 -6.43
CA GLU B 147 0.06 -2.12 -7.81
C GLU B 147 0.31 -3.25 -8.81
N GLN B 148 1.28 -4.13 -8.54
CA GLN B 148 1.65 -5.27 -9.43
C GLN B 148 0.43 -6.17 -9.64
N GLN B 149 -0.26 -6.54 -8.55
CA GLN B 149 -1.41 -7.49 -8.59
C GLN B 149 -2.63 -6.83 -9.23
N ALA B 150 -2.78 -5.51 -9.08
CA ALA B 150 -3.87 -4.71 -9.69
C ALA B 150 -3.75 -4.74 -11.21
N SER B 151 -2.52 -4.62 -11.73
CA SER B 151 -2.19 -4.67 -13.18
C SER B 151 -2.51 -6.06 -13.75
N ASP B 152 -2.19 -7.13 -13.00
CA ASP B 152 -2.43 -8.55 -13.38
C ASP B 152 -3.94 -8.73 -13.67
N ALA B 153 -4.79 -8.33 -12.72
CA ALA B 153 -6.27 -8.44 -12.77
C ALA B 153 -6.82 -7.67 -13.97
N ASP B 154 -6.25 -6.49 -14.25
CA ASP B 154 -6.65 -5.60 -15.38
C ASP B 154 -5.96 -6.09 -16.67
N PRO B 168 -0.69 8.66 -25.86
CA PRO B 168 0.70 8.76 -25.38
C PRO B 168 1.68 9.11 -26.51
N SER B 169 2.72 9.89 -26.20
CA SER B 169 3.75 10.36 -27.15
C SER B 169 4.68 9.20 -27.54
N SER B 170 5.48 9.40 -28.60
CA SER B 170 6.51 8.45 -29.09
C SER B 170 7.51 8.16 -27.97
N PHE B 171 7.99 9.20 -27.30
CA PHE B 171 8.95 9.15 -26.16
C PHE B 171 8.43 8.20 -25.09
N LEU B 172 7.18 8.39 -24.64
CA LEU B 172 6.54 7.60 -23.56
C LEU B 172 6.33 6.14 -23.99
N HIS B 173 5.78 5.94 -25.20
CA HIS B 173 5.43 4.61 -25.76
C HIS B 173 6.66 3.69 -25.75
N ASP B 174 7.80 4.20 -26.22
CA ASP B 174 9.09 3.47 -26.31
C ASP B 174 9.61 3.18 -24.89
N LEU B 175 9.48 4.14 -23.97
CA LEU B 175 9.96 4.03 -22.57
C LEU B 175 9.14 2.96 -21.82
N PHE B 176 7.80 3.00 -21.94
CA PHE B 176 6.87 2.05 -21.27
C PHE B 176 7.13 0.62 -21.77
N HIS B 177 7.42 0.46 -23.06
CA HIS B 177 7.75 -0.85 -23.70
C HIS B 177 9.04 -1.40 -23.10
N GLU B 178 10.06 -0.54 -22.96
CA GLU B 178 11.41 -0.88 -22.42
C GLU B 178 11.29 -1.26 -20.93
N LEU B 179 10.35 -0.65 -20.20
CA LEU B 179 10.10 -0.93 -18.76
C LEU B 179 9.48 -2.33 -18.61
N GLU B 180 8.52 -2.68 -19.47
CA GLU B 180 7.86 -4.02 -19.50
C GLU B 180 8.92 -5.10 -19.76
N THR B 181 9.85 -4.83 -20.68
CA THR B 181 10.97 -5.74 -21.07
C THR B 181 11.84 -6.05 -19.83
N ASP B 182 12.17 -5.02 -19.04
CA ASP B 182 13.04 -5.13 -17.83
C ASP B 182 12.37 -6.05 -16.78
N GLY B 183 11.05 -5.99 -16.65
CA GLY B 183 10.26 -6.88 -15.77
C GLY B 183 9.91 -6.20 -14.45
N MET B 184 9.00 -6.82 -13.68
CA MET B 184 8.44 -6.27 -12.42
C MET B 184 9.51 -6.30 -11.31
N ASP B 185 10.37 -7.34 -11.29
CA ASP B 185 11.41 -7.54 -10.25
C ASP B 185 12.40 -6.36 -10.28
N ALA B 186 12.80 -5.90 -11.46
CA ALA B 186 13.75 -4.78 -11.66
C ALA B 186 13.21 -3.53 -10.96
N ALA B 187 11.95 -3.17 -11.23
CA ALA B 187 11.25 -2.00 -10.64
C ALA B 187 11.23 -2.11 -9.11
N PHE B 188 10.84 -3.27 -8.58
CA PHE B 188 10.75 -3.52 -7.12
C PHE B 188 12.12 -3.35 -6.48
N ASN B 189 13.16 -3.98 -7.03
CA ASN B 189 14.53 -4.01 -6.48
C ASN B 189 15.10 -2.58 -6.43
N PHE B 190 14.82 -1.75 -7.44
CA PHE B 190 15.32 -0.36 -7.51
C PHE B 190 14.83 0.43 -6.29
N GLY B 191 13.52 0.32 -5.98
CA GLY B 191 12.91 1.01 -4.83
C GLY B 191 13.47 0.51 -3.51
N LEU B 192 13.61 -0.81 -3.37
CA LEU B 192 14.15 -1.48 -2.15
C LEU B 192 15.62 -1.08 -1.96
N ASP B 193 16.43 -1.16 -3.02
CA ASP B 193 17.88 -0.81 -3.00
C ASP B 193 18.04 0.66 -2.58
N SER B 194 17.16 1.54 -3.07
CA SER B 194 17.16 3.00 -2.75
C SER B 194 16.84 3.21 -1.26
N LEU B 195 15.84 2.52 -0.72
CA LEU B 195 15.43 2.63 0.71
C LEU B 195 16.61 2.22 1.60
N ILE B 196 17.24 1.08 1.29
CA ILE B 196 18.36 0.50 2.08
C ILE B 196 19.59 1.42 1.97
N ALA B 197 19.91 1.89 0.76
CA ALA B 197 21.02 2.85 0.51
C ALA B 197 20.80 4.12 1.32
N GLY B 198 19.54 4.58 1.43
CA GLY B 198 19.17 5.79 2.18
C GLY B 198 19.34 5.62 3.69
N PHE B 199 19.08 4.43 4.22
CA PHE B 199 19.23 4.11 5.66
C PHE B 199 20.70 4.28 6.08
N GLU B 200 21.65 3.96 5.20
CA GLU B 200 23.12 4.07 5.41
C GLU B 200 23.47 5.34 6.19
N ARG B 201 22.96 6.48 5.74
CA ARG B 201 23.38 7.84 6.19
C ARG B 201 22.40 8.37 7.24
N LEU B 202 21.16 7.85 7.32
CA LEU B 202 20.10 8.33 8.24
C LEU B 202 19.91 7.36 9.41
N ARG B 203 20.73 6.31 9.52
CA ARG B 203 20.70 5.30 10.62
C ARG B 203 20.61 5.98 11.99
N SER B 204 21.36 7.07 12.18
CA SER B 204 21.40 7.88 13.42
C SER B 204 21.42 9.38 13.08
N SER B 205 20.76 10.20 13.89
CA SER B 205 20.62 11.67 13.73
C SER B 205 21.99 12.31 13.55
#